data_4LES
#
_entry.id   4LES
#
_cell.length_a   95.754
_cell.length_b   95.754
_cell.length_c   41.518
_cell.angle_alpha   90.00
_cell.angle_beta   90.00
_cell.angle_gamma   120.00
#
_symmetry.space_group_name_H-M   'P 63'
#
loop_
_entity.id
_entity.type
_entity.pdbx_description
1 polymer 'Protein - conserved hypothetical'
2 non-polymer 'CHLORIDE ION'
3 non-polymer ETHANOL
4 non-polymer 'PHOSPHATE ION'
5 non-polymer 'TRIETHYLENE GLYCOL'
6 water water
#
_entity_poly.entity_id   1
_entity_poly.type   'polypeptide(L)'
_entity_poly.pdbx_seq_one_letter_code
;(MSE)HHHHHHSSGVDLGTENLYFQSNATSSESKETNSKQEEKNVQTTDEAKTKENTKQKNTEQTKEKSKIKEKEYAVNK
DFHTPKFDVTVKRVVERDKVGKESIGFQKPEDGHVFIVVEAEGKNITSEP(MSE)KLAFLPSVDLVDENDNAYQSDVWAA
SSYDVEKGETSSITKELKPGEVKRQNKVYVINKEKFDTGKWYVVVNNEYKEQIK
;
_entity_poly.pdbx_strand_id   A
#
loop_
_chem_comp.id
_chem_comp.type
_chem_comp.name
_chem_comp.formula
CL non-polymer 'CHLORIDE ION' 'Cl -1'
EOH non-polymer ETHANOL 'C2 H6 O'
PGE non-polymer 'TRIETHYLENE GLYCOL' 'C6 H14 O4'
PO4 non-polymer 'PHOSPHATE ION' 'O4 P -3'
#
# COMPACT_ATOMS: atom_id res chain seq x y z
N SER A 65 -2.34 11.01 21.68
N SER A 65 -2.10 11.10 22.60
CA SER A 65 -3.51 10.76 22.57
CA SER A 65 -3.54 10.77 22.66
C SER A 65 -3.75 9.24 22.65
C SER A 65 -3.75 9.25 22.68
N LYS A 66 -5.01 8.84 22.68
CA LYS A 66 -5.37 7.43 22.71
C LYS A 66 -5.71 6.96 21.30
N ILE A 67 -5.44 7.82 20.31
CA ILE A 67 -5.75 7.53 18.91
C ILE A 67 -4.66 6.65 18.31
N LYS A 68 -5.07 5.42 18.00
CA LYS A 68 -4.21 4.39 17.52
C LYS A 68 -4.08 4.32 15.99
N GLU A 69 -4.96 5.00 15.28
CA GLU A 69 -4.99 4.90 13.83
C GLU A 69 -5.61 6.16 13.21
N LYS A 70 -5.03 6.62 12.12
CA LYS A 70 -5.54 7.77 11.39
C LYS A 70 -5.63 7.38 9.94
N GLU A 71 -6.81 7.59 9.35
CA GLU A 71 -7.06 7.13 7.99
C GLU A 71 -7.22 8.25 6.94
N TYR A 72 -6.66 8.00 5.74
CA TYR A 72 -6.72 8.95 4.61
C TYR A 72 -7.32 8.21 3.39
N ALA A 73 -8.58 8.48 3.10
CA ALA A 73 -9.28 7.84 1.98
C ALA A 73 -8.77 8.38 0.66
N VAL A 74 -8.56 7.50 -0.31
CA VAL A 74 -8.13 7.93 -1.66
C VAL A 74 -9.25 7.47 -2.55
N ASN A 75 -9.50 6.16 -2.59
CA ASN A 75 -10.60 5.62 -3.40
C ASN A 75 -10.61 6.09 -4.85
N LYS A 76 -9.46 5.99 -5.49
CA LYS A 76 -9.29 6.35 -6.89
C LYS A 76 -8.65 5.24 -7.69
N ASP A 77 -9.06 5.12 -8.95
N ASP A 77 -9.08 5.12 -8.94
CA ASP A 77 -8.55 4.11 -9.86
CA ASP A 77 -8.53 4.17 -9.90
C ASP A 77 -7.68 4.86 -10.90
C ASP A 77 -7.60 4.94 -10.83
N PHE A 78 -6.51 4.31 -11.19
CA PHE A 78 -5.55 4.90 -12.08
C PHE A 78 -5.25 3.93 -13.18
N HIS A 79 -5.43 4.42 -14.40
CA HIS A 79 -5.24 3.61 -15.56
C HIS A 79 -3.80 3.55 -16.08
N THR A 80 -3.32 2.34 -16.35
CA THR A 80 -2.01 2.11 -16.95
C THR A 80 -2.32 1.19 -18.11
N PRO A 81 -1.38 1.05 -19.04
CA PRO A 81 -1.64 0.25 -20.24
C PRO A 81 -2.15 -1.18 -19.96
N LYS A 82 -1.55 -1.87 -19.01
CA LYS A 82 -1.94 -3.27 -18.75
C LYS A 82 -2.84 -3.48 -17.56
N PHE A 83 -2.80 -2.54 -16.61
CA PHE A 83 -3.52 -2.65 -15.36
C PHE A 83 -4.21 -1.36 -14.90
N ASP A 84 -5.38 -1.50 -14.27
CA ASP A 84 -6.05 -0.40 -13.57
C ASP A 84 -5.70 -0.61 -12.12
N VAL A 85 -5.04 0.36 -11.52
CA VAL A 85 -4.60 0.28 -10.15
C VAL A 85 -5.48 1.13 -9.26
N THR A 86 -6.11 0.50 -8.27
CA THR A 86 -6.98 1.21 -7.35
C THR A 86 -6.23 1.43 -6.05
N VAL A 87 -6.23 2.68 -5.58
CA VAL A 87 -5.66 3.02 -4.28
C VAL A 87 -6.86 3.30 -3.38
N LYS A 88 -6.98 2.53 -2.32
CA LYS A 88 -8.16 2.67 -1.47
C LYS A 88 -7.93 3.64 -0.38
N ARG A 89 -6.95 3.39 0.46
CA ARG A 89 -6.69 4.31 1.52
C ARG A 89 -5.28 4.17 2.00
N VAL A 90 -4.87 5.17 2.77
CA VAL A 90 -3.57 5.17 3.40
C VAL A 90 -3.89 5.21 4.89
N VAL A 91 -3.25 4.37 5.69
CA VAL A 91 -3.53 4.32 7.14
C VAL A 91 -2.25 4.46 7.96
N GLU A 92 -2.30 5.33 8.94
CA GLU A 92 -1.21 5.58 9.85
C GLU A 92 -1.56 4.84 11.12
N ARG A 93 -0.72 3.89 11.52
CA ARG A 93 -1.01 3.11 12.72
C ARG A 93 0.18 2.68 13.56
N ASP A 94 -0.13 2.31 14.79
CA ASP A 94 0.85 1.88 15.81
C ASP A 94 1.29 0.41 15.72
N LYS A 95 0.60 -0.41 14.97
CA LYS A 95 0.96 -1.82 14.86
C LYS A 95 0.22 -2.55 13.74
N VAL A 96 0.73 -3.73 13.39
CA VAL A 96 0.13 -4.62 12.38
C VAL A 96 0.21 -6.04 12.92
N GLY A 97 -0.69 -6.90 12.45
CA GLY A 97 -0.71 -8.32 12.85
C GLY A 97 -1.99 -8.75 13.53
N LYS A 98 -1.99 -10.00 14.02
CA LYS A 98 -3.12 -10.57 14.77
C LYS A 98 -2.61 -11.14 16.07
N GLU A 99 -3.51 -11.25 17.03
CA GLU A 99 -3.18 -11.78 18.33
C GLU A 99 -2.67 -13.23 18.23
N SER A 100 -3.25 -14.01 17.34
CA SER A 100 -2.85 -15.41 17.13
C SER A 100 -1.43 -15.52 16.56
N ILE A 101 -1.13 -14.77 15.52
CA ILE A 101 0.20 -14.78 14.90
C ILE A 101 1.17 -13.75 15.49
N GLY A 102 0.77 -13.05 16.56
CA GLY A 102 1.60 -11.99 17.16
C GLY A 102 1.49 -10.62 16.43
N PHE A 103 1.74 -9.54 17.15
CA PHE A 103 1.69 -8.17 16.61
C PHE A 103 3.08 -7.59 16.39
N GLN A 104 3.26 -6.75 15.36
CA GLN A 104 4.52 -6.03 15.16
C GLN A 104 4.28 -4.56 15.47
N LYS A 105 5.26 -3.92 16.13
CA LYS A 105 5.21 -2.51 16.47
C LYS A 105 6.39 -1.79 15.86
N PRO A 106 6.22 -0.53 15.44
CA PRO A 106 7.38 0.20 14.94
C PRO A 106 8.19 0.70 16.15
N GLU A 107 9.48 1.00 15.96
CA GLU A 107 10.33 1.45 17.05
C GLU A 107 9.95 2.88 17.45
N ASP A 108 10.40 3.35 18.62
CA ASP A 108 10.08 4.73 19.11
C ASP A 108 10.11 5.86 18.07
N GLY A 109 9.09 6.70 18.12
CA GLY A 109 8.94 7.87 17.23
C GLY A 109 8.54 7.56 15.81
N HIS A 110 8.28 6.27 15.51
CA HIS A 110 7.90 5.84 14.16
C HIS A 110 6.52 5.19 14.12
N VAL A 111 5.90 5.21 12.95
CA VAL A 111 4.59 4.60 12.73
C VAL A 111 4.60 3.75 11.48
N PHE A 112 3.63 2.86 11.35
CA PHE A 112 3.47 2.11 10.13
C PHE A 112 2.55 2.93 9.25
N ILE A 113 2.94 3.13 8.00
CA ILE A 113 2.05 3.79 7.04
C ILE A 113 1.69 2.70 6.07
N VAL A 114 0.40 2.40 5.99
CA VAL A 114 -0.10 1.34 5.12
C VAL A 114 -0.79 1.96 3.91
N VAL A 115 -0.36 1.60 2.71
CA VAL A 115 -1.03 2.04 1.48
C VAL A 115 -1.79 0.80 0.95
N GLU A 116 -3.11 0.83 1.00
CA GLU A 116 -3.94 -0.25 0.46
C GLU A 116 -4.20 0.00 -1.03
N ALA A 117 -3.82 -0.94 -1.86
CA ALA A 117 -3.96 -0.82 -3.28
C ALA A 117 -4.24 -2.15 -3.91
N GLU A 118 -4.72 -2.11 -5.14
CA GLU A 118 -4.94 -3.36 -5.88
C GLU A 118 -4.82 -3.11 -7.40
N GLY A 119 -4.47 -4.15 -8.14
CA GLY A 119 -4.31 -4.03 -9.59
C GLY A 119 -5.18 -5.04 -10.30
N LYS A 120 -5.77 -4.62 -11.41
CA LYS A 120 -6.64 -5.45 -12.22
C LYS A 120 -6.05 -5.53 -13.62
N ASN A 121 -5.89 -6.74 -14.12
CA ASN A 121 -5.38 -6.96 -15.45
C ASN A 121 -6.51 -6.57 -16.37
N ILE A 122 -6.34 -5.51 -17.15
N ILE A 122 -6.33 -5.51 -17.14
CA ILE A 122 -7.38 -5.08 -18.06
CA ILE A 122 -7.37 -5.07 -18.06
C ILE A 122 -7.12 -5.49 -19.50
C ILE A 122 -7.09 -5.44 -19.51
N THR A 123 -6.17 -6.38 -19.71
CA THR A 123 -5.85 -6.91 -21.06
C THR A 123 -6.60 -8.24 -21.20
N SER A 124 -6.53 -8.82 -22.39
CA SER A 124 -7.22 -10.07 -22.69
C SER A 124 -6.30 -11.27 -22.54
N GLU A 125 -5.08 -11.04 -22.08
CA GLU A 125 -4.11 -12.10 -21.83
C GLU A 125 -3.60 -12.09 -20.42
N PRO A 126 -3.13 -13.25 -19.93
CA PRO A 126 -2.56 -13.22 -18.61
C PRO A 126 -1.34 -12.33 -18.67
N MSE A 127 -1.07 -11.61 -17.59
N MSE A 127 -1.08 -11.62 -17.57
CA MSE A 127 0.08 -10.73 -17.53
CA MSE A 127 0.05 -10.73 -17.48
C MSE A 127 0.81 -11.08 -16.27
C MSE A 127 0.82 -11.11 -16.25
O MSE A 127 0.20 -11.54 -15.30
O MSE A 127 0.23 -11.62 -15.30
CB MSE A 127 -0.34 -9.26 -17.53
CB MSE A 127 -0.45 -9.30 -17.29
CG MSE A 127 -1.18 -8.85 -18.75
CG MSE A 127 -0.96 -8.69 -18.60
SE MSE A 127 -0.29 -9.17 -20.49
SE MSE A 127 0.58 -7.91 -19.55
CE MSE A 127 1.58 -8.97 -19.85
CE MSE A 127 -0.05 -8.14 -21.40
N LYS A 128 2.11 -10.86 -16.24
CA LYS A 128 2.94 -11.19 -15.10
C LYS A 128 2.80 -10.18 -13.98
N LEU A 129 2.80 -10.71 -12.76
CA LEU A 129 2.71 -9.96 -11.54
C LEU A 129 3.84 -8.95 -11.49
N ALA A 130 4.99 -9.34 -12.04
CA ALA A 130 6.17 -8.48 -12.10
C ALA A 130 5.89 -7.16 -12.84
N PHE A 131 4.93 -7.17 -13.76
CA PHE A 131 4.61 -5.93 -14.47
C PHE A 131 3.58 -5.07 -13.75
N LEU A 132 3.10 -5.45 -12.57
CA LEU A 132 2.17 -4.57 -11.84
C LEU A 132 2.82 -3.20 -11.63
N PRO A 133 2.06 -2.11 -11.86
CA PRO A 133 2.69 -0.82 -11.68
C PRO A 133 3.14 -0.55 -10.25
N SER A 134 4.19 0.23 -10.13
CA SER A 134 4.69 0.66 -8.83
C SER A 134 3.67 1.58 -8.14
N VAL A 135 3.57 1.42 -6.82
CA VAL A 135 2.73 2.28 -5.98
C VAL A 135 3.66 2.66 -4.85
N ASP A 136 4.05 3.92 -4.77
CA ASP A 136 4.98 4.36 -3.73
C ASP A 136 4.49 5.53 -2.90
N LEU A 137 4.87 5.49 -1.63
CA LEU A 137 4.63 6.54 -0.69
C LEU A 137 5.75 7.52 -0.92
N VAL A 138 5.41 8.79 -1.12
CA VAL A 138 6.42 9.82 -1.41
C VAL A 138 6.19 11.05 -0.56
N ASP A 139 7.27 11.63 -0.06
CA ASP A 139 7.17 12.82 0.80
C ASP A 139 7.32 14.09 -0.03
N GLU A 140 7.30 15.26 0.62
CA GLU A 140 7.42 16.53 -0.09
C GLU A 140 8.84 16.76 -0.66
N ASN A 141 9.83 16.00 -0.18
CA ASN A 141 11.20 16.10 -0.70
C ASN A 141 11.48 15.08 -1.80
N ASP A 142 10.42 14.43 -2.29
CA ASP A 142 10.49 13.44 -3.35
C ASP A 142 11.23 12.15 -3.01
N ASN A 143 11.32 11.83 -1.73
CA ASN A 143 11.87 10.54 -1.35
C ASN A 143 10.72 9.57 -1.50
N ALA A 144 10.96 8.50 -2.25
CA ALA A 144 10.00 7.45 -2.45
C ALA A 144 10.44 6.34 -1.51
N TYR A 145 9.53 5.74 -0.77
CA TYR A 145 9.89 4.71 0.20
C TYR A 145 9.70 3.29 -0.31
N GLN A 146 10.49 2.40 0.26
CA GLN A 146 10.47 0.99 -0.06
C GLN A 146 9.60 0.27 0.98
N SER A 147 8.67 -0.57 0.56
CA SER A 147 7.78 -1.27 1.47
C SER A 147 8.53 -2.26 2.36
N ASP A 148 8.10 -2.38 3.61
CA ASP A 148 8.65 -3.38 4.53
C ASP A 148 7.86 -4.68 4.26
N VAL A 149 8.50 -5.62 3.57
CA VAL A 149 7.84 -6.87 3.18
C VAL A 149 7.29 -7.71 4.35
N TRP A 150 7.93 -7.66 5.53
CA TRP A 150 7.48 -8.43 6.68
C TRP A 150 6.20 -7.82 7.29
N ALA A 151 6.24 -6.53 7.57
CA ALA A 151 5.07 -5.83 8.10
C ALA A 151 3.90 -5.99 7.13
N ALA A 152 4.18 -5.85 5.84
CA ALA A 152 3.14 -6.01 4.81
C ALA A 152 2.52 -7.39 4.86
N SER A 153 3.35 -8.39 5.14
CA SER A 153 2.87 -9.75 5.24
C SER A 153 1.98 -9.91 6.48
N SER A 154 2.38 -9.30 7.60
CA SER A 154 1.60 -9.37 8.84
C SER A 154 0.27 -8.66 8.66
N TYR A 155 0.31 -7.52 7.97
CA TYR A 155 -0.90 -6.75 7.70
C TYR A 155 -1.82 -7.53 6.79
N ASP A 156 -1.24 -8.27 5.85
CA ASP A 156 -2.05 -9.09 4.93
C ASP A 156 -2.77 -10.23 5.66
N VAL A 157 -2.07 -10.92 6.56
CA VAL A 157 -2.69 -11.96 7.38
C VAL A 157 -3.73 -11.30 8.31
N GLU A 158 -3.36 -10.17 8.89
CA GLU A 158 -4.28 -9.42 9.72
C GLU A 158 -5.62 -9.22 8.99
N LYS A 159 -5.57 -8.94 7.70
CA LYS A 159 -6.79 -8.71 6.90
C LYS A 159 -7.39 -9.95 6.25
N GLY A 160 -6.86 -11.14 6.55
CA GLY A 160 -7.37 -12.39 5.97
C GLY A 160 -6.90 -12.61 4.53
N GLU A 161 -5.80 -11.96 4.16
CA GLU A 161 -5.25 -12.09 2.82
C GLU A 161 -4.09 -13.07 2.94
N THR A 162 -4.49 -14.32 3.17
CA THR A 162 -3.60 -15.40 3.43
C THR A 162 -3.76 -16.48 2.36
N SER A 163 -2.91 -16.40 1.36
CA SER A 163 -2.91 -17.32 0.25
C SER A 163 -1.73 -16.91 -0.55
N SER A 164 -0.89 -17.87 -0.94
CA SER A 164 0.23 -17.55 -1.81
C SER A 164 -0.36 -16.97 -3.09
N ILE A 165 0.33 -15.97 -3.63
CA ILE A 165 -0.10 -15.37 -4.85
C ILE A 165 0.52 -16.08 -6.05
N THR A 166 -0.15 -15.92 -7.17
CA THR A 166 0.22 -16.53 -8.40
C THR A 166 1.23 -15.64 -9.14
N LYS A 167 1.95 -16.20 -10.09
CA LYS A 167 2.94 -15.44 -10.82
C LYS A 167 2.32 -14.56 -11.95
N GLU A 168 1.10 -14.85 -12.35
CA GLU A 168 0.44 -14.07 -13.37
C GLU A 168 -1.00 -13.82 -12.98
N LEU A 169 -1.54 -12.67 -13.42
CA LEU A 169 -2.94 -12.38 -13.21
C LEU A 169 -3.64 -12.71 -14.48
N LYS A 170 -4.81 -13.30 -14.36
CA LYS A 170 -5.58 -13.64 -15.51
C LYS A 170 -6.37 -12.45 -15.99
N PRO A 171 -6.81 -12.48 -17.25
CA PRO A 171 -7.60 -11.38 -17.80
C PRO A 171 -8.76 -11.01 -16.89
N GLY A 172 -8.80 -9.77 -16.39
CA GLY A 172 -9.89 -9.32 -15.52
C GLY A 172 -9.68 -9.63 -14.04
N GLU A 173 -8.59 -10.33 -13.72
CA GLU A 173 -8.30 -10.71 -12.33
C GLU A 173 -7.70 -9.54 -11.54
N VAL A 174 -8.04 -9.46 -10.26
CA VAL A 174 -7.57 -8.40 -9.38
C VAL A 174 -6.60 -8.97 -8.34
N LYS A 175 -5.54 -8.26 -8.06
CA LYS A 175 -4.55 -8.68 -7.09
C LYS A 175 -4.23 -7.57 -6.08
N ARG A 176 -4.39 -7.88 -4.80
CA ARG A 176 -4.10 -6.91 -3.74
C ARG A 176 -2.62 -6.60 -3.74
N GLN A 177 -2.28 -5.35 -3.48
CA GLN A 177 -0.87 -4.92 -3.43
C GLN A 177 -0.70 -3.89 -2.31
N ASN A 178 -0.91 -4.36 -1.09
CA ASN A 178 -0.74 -3.53 0.09
C ASN A 178 0.74 -3.27 0.38
N LYS A 179 1.10 -2.03 0.65
CA LYS A 179 2.48 -1.71 1.02
C LYS A 179 2.48 -1.21 2.45
N VAL A 180 3.51 -1.53 3.20
CA VAL A 180 3.65 -1.05 4.56
C VAL A 180 5.01 -0.44 4.78
N TYR A 181 5.02 0.82 5.22
CA TYR A 181 6.25 1.55 5.47
C TYR A 181 6.41 1.91 6.94
N VAL A 182 7.66 2.06 7.37
CA VAL A 182 7.95 2.48 8.72
C VAL A 182 8.47 3.91 8.57
N ILE A 183 7.71 4.88 9.07
CA ILE A 183 8.05 6.27 8.91
C ILE A 183 8.13 7.02 10.23
N ASN A 184 8.98 8.05 10.28
CA ASN A 184 9.10 8.89 11.46
C ASN A 184 7.77 9.60 11.62
N LYS A 185 7.14 9.44 12.79
CA LYS A 185 5.81 10.00 13.01
C LYS A 185 5.77 11.52 12.86
N GLU A 186 6.69 12.22 13.49
CA GLU A 186 6.74 13.67 13.37
C GLU A 186 6.84 14.08 11.89
N LYS A 187 7.66 13.38 11.11
CA LYS A 187 7.79 13.73 9.68
C LYS A 187 6.50 13.48 8.94
N PHE A 188 5.88 12.34 9.20
CA PHE A 188 4.64 12.05 8.54
C PHE A 188 3.57 13.04 8.96
N ASP A 189 3.48 13.31 10.25
CA ASP A 189 2.42 14.19 10.77
C ASP A 189 2.56 15.65 10.38
N THR A 190 3.78 16.14 10.20
CA THR A 190 3.95 17.56 9.87
C THR A 190 4.17 17.89 8.40
N GLY A 191 4.44 16.89 7.56
CA GLY A 191 4.68 17.17 6.15
C GLY A 191 3.57 16.80 5.21
N LYS A 192 3.77 17.16 3.94
CA LYS A 192 2.89 16.78 2.85
C LYS A 192 3.34 15.41 2.31
N TRP A 193 2.37 14.55 2.03
CA TRP A 193 2.64 13.21 1.55
C TRP A 193 1.76 12.87 0.36
N TYR A 194 2.27 11.96 -0.45
CA TYR A 194 1.63 11.59 -1.69
C TYR A 194 1.75 10.12 -1.96
N VAL A 195 0.88 9.63 -2.83
CA VAL A 195 1.01 8.27 -3.36
C VAL A 195 1.27 8.43 -4.87
N VAL A 196 2.37 7.86 -5.35
CA VAL A 196 2.72 7.93 -6.76
C VAL A 196 2.49 6.57 -7.43
N VAL A 197 1.70 6.59 -8.50
CA VAL A 197 1.36 5.38 -9.21
C VAL A 197 2.00 5.34 -10.61
N ASN A 198 2.79 4.30 -10.80
CA ASN A 198 3.47 4.01 -12.06
C ASN A 198 4.35 5.16 -12.50
N ASN A 199 4.85 5.93 -11.53
CA ASN A 199 5.60 7.16 -11.79
C ASN A 199 4.86 8.04 -12.78
N GLU A 200 3.54 7.98 -12.76
CA GLU A 200 2.68 8.63 -13.73
C GLU A 200 1.60 9.49 -13.09
N TYR A 201 1.13 9.11 -11.90
CA TYR A 201 0.12 9.86 -11.19
C TYR A 201 0.66 10.17 -9.81
N LYS A 202 0.33 11.35 -9.31
CA LYS A 202 0.76 11.78 -7.99
C LYS A 202 -0.49 12.26 -7.29
N GLU A 203 -0.89 11.54 -6.26
CA GLU A 203 -2.10 11.87 -5.51
C GLU A 203 -1.68 12.32 -4.11
N GLN A 204 -2.03 13.56 -3.73
CA GLN A 204 -1.67 14.06 -2.41
C GLN A 204 -2.61 13.48 -1.37
N ILE A 205 -2.08 12.84 -0.36
CA ILE A 205 -2.99 12.31 0.64
C ILE A 205 -3.10 13.27 1.84
N LYS A 206 -2.11 14.12 2.03
CA LYS A 206 -2.05 14.96 3.21
C LYS A 206 -1.28 16.22 2.92
CL CL B . -9.48 0.59 -19.15
C1 EOH C . 14.71 8.26 10.46
C2 EOH C . 13.92 9.11 9.49
O EOH C . 14.07 8.22 11.74
C1 EOH D . -12.05 -1.08 -13.62
C2 EOH D . -12.11 -1.89 -14.92
O EOH D . -10.70 -0.96 -13.16
P PO4 E . -8.82 -0.80 9.94
O1 PO4 E . -7.51 -0.51 9.25
O2 PO4 E . -9.53 0.46 10.33
O3 PO4 E . -9.68 -1.57 8.99
O4 PO4 E . -8.56 -1.63 11.18
C1 PGE F . -1.22 11.64 18.44
O1 PGE F . -0.05 12.29 17.91
C2 PGE F . -1.79 10.65 17.43
O2 PGE F . -2.14 11.32 16.21
C3 PGE F . -1.88 10.60 15.00
C4 PGE F . -2.49 9.20 14.99
O4 PGE F . 0.38 5.98 16.52
C6 PGE F . -0.06 6.42 15.22
C5 PGE F . -1.48 7.01 15.26
O3 PGE F . -1.52 8.25 14.55
#